data_1N64
#
_entry.id   1N64
#
_cell.length_a   42.18
_cell.length_b   101.7
_cell.length_c   55.18
_cell.angle_alpha   90
_cell.angle_beta   98.7
_cell.angle_gamma   90
#
_symmetry.space_group_name_H-M   'P 1 21 1'
#
loop_
_entity.id
_entity.type
_entity.pdbx_description
1 polymer 'Fab 19D9D6 light chain'
2 polymer 'Fab 19D9D6 heavy chain'
3 polymer 'Genome polyprotein Capsid protein C'
4 water water
#
loop_
_entity_poly.entity_id
_entity_poly.type
_entity_poly.pdbx_seq_one_letter_code
_entity_poly.pdbx_strand_id
1 'polypeptide(L)'
;DIVMSQSPSSLAVSAGEKVTMSCKSSQSLLNSRTRKNYLAWYQQKPGQSPKVLIYWASTRESGVPDRFTGRGSGTDFTLT
ISSVQAEDQAVYYCKQAYIPPLTFGAGTKLELKRADAAPTVSIFPPSSEQLTSGGASVVCFLNNFYPKDINVKWKIDGSE
RQNGVLNSWTDQDSKDSTYSMSSTLTLTKDEYERHNSYTCEATHKTSTSPIVKSFNRNEC
;
L
2 'polypeptide(L)'
;QIQLVQSGPELKKPGETVKISCKASGYTFTDFSMHWVNQAPGKGLNWMGWVNTETGEPTYADDFKGRFAFSLETSASTAY
LQINSLKNEDTATYFCARFLLRQYFDVWGAGTTVTVSSAKTTPPSVYPLAPGSAAQTNSMVTLGCLVKGYFPEPVTVTWN
SGSLSSGVHTFPAVLQSDLYTLSSSVTVPSSTWPSETVTCNVAHPASSTKVDKKIVPR
;
H
3 'polypeptide(L)' PGGGQIVGGVYLLPRR P
#
# COMPACT_ATOMS: atom_id res chain seq x y z
N ASP A 1 -7.95 -16.07 -24.36
CA ASP A 1 -7.69 -15.56 -22.98
C ASP A 1 -7.87 -16.63 -21.90
N ILE A 2 -6.77 -17.14 -21.34
CA ILE A 2 -6.87 -18.14 -20.29
C ILE A 2 -7.29 -17.45 -18.99
N VAL A 3 -8.25 -18.04 -18.31
CA VAL A 3 -8.75 -17.50 -17.05
C VAL A 3 -8.04 -18.19 -15.91
N MET A 4 -7.62 -17.42 -14.90
CA MET A 4 -6.93 -17.96 -13.75
C MET A 4 -7.83 -17.80 -12.54
N SER A 5 -8.17 -18.92 -11.91
CA SER A 5 -9.04 -18.92 -10.73
C SER A 5 -8.26 -19.27 -9.47
N GLN A 6 -8.20 -18.29 -8.57
CA GLN A 6 -7.49 -18.47 -7.31
C GLN A 6 -8.48 -18.67 -6.16
N SER A 7 -8.07 -19.47 -5.18
CA SER A 7 -8.89 -19.78 -4.02
C SER A 7 -8.01 -20.27 -2.88
N PRO A 8 -8.35 -19.88 -1.64
CA PRO A 8 -9.49 -19.02 -1.32
C PRO A 8 -9.03 -17.56 -1.34
N SER A 9 -9.96 -16.65 -1.58
CA SER A 9 -9.64 -15.22 -1.64
C SER A 9 -8.90 -14.70 -0.40
N SER A 10 -8.97 -15.45 0.70
CA SER A 10 -8.29 -15.03 1.92
C SER A 10 -8.02 -16.22 2.84
N LEU A 11 -6.87 -16.18 3.51
CA LEU A 11 -6.48 -17.25 4.40
C LEU A 11 -5.88 -16.65 5.67
N ALA A 12 -6.28 -17.18 6.82
CA ALA A 12 -5.76 -16.71 8.10
C ALA A 12 -5.10 -17.85 8.86
N VAL A 13 -3.78 -17.73 9.04
CA VAL A 13 -2.98 -18.73 9.73
C VAL A 13 -2.15 -18.08 10.84
N SER A 14 -1.68 -18.88 11.78
CA SER A 14 -0.86 -18.36 12.86
C SER A 14 0.59 -18.72 12.54
N ALA A 15 1.53 -17.90 12.98
CA ALA A 15 2.95 -18.14 12.71
C ALA A 15 3.32 -19.59 12.92
N GLY A 16 4.22 -20.09 12.09
CA GLY A 16 4.66 -21.48 12.21
C GLY A 16 3.81 -22.50 11.47
N GLU A 17 2.53 -22.20 11.27
CA GLU A 17 1.66 -23.13 10.56
C GLU A 17 1.97 -23.18 9.07
N LYS A 18 1.41 -24.20 8.42
CA LYS A 18 1.59 -24.43 7.00
C LYS A 18 0.29 -24.09 6.29
N VAL A 19 0.42 -23.36 5.19
CA VAL A 19 -0.74 -22.95 4.42
C VAL A 19 -0.52 -23.30 2.94
N THR A 20 -1.61 -23.58 2.24
CA THR A 20 -1.54 -23.91 0.83
C THR A 20 -2.71 -23.24 0.11
N MET A 21 -2.44 -22.66 -1.06
CA MET A 21 -3.47 -21.98 -1.83
C MET A 21 -3.45 -22.44 -3.29
N SER A 22 -4.62 -22.55 -3.89
CA SER A 22 -4.71 -23.04 -5.26
C SER A 22 -4.95 -21.97 -6.30
N CYS A 23 -4.69 -22.35 -7.54
CA CYS A 23 -4.86 -21.50 -8.71
C CYS A 23 -5.10 -22.46 -9.88
N LYS A 24 -6.20 -22.26 -10.60
CA LYS A 24 -6.52 -23.13 -11.73
C LYS A 24 -6.77 -22.36 -13.02
N SER A 25 -6.20 -22.86 -14.12
CA SER A 25 -6.33 -22.23 -15.42
C SER A 25 -7.44 -22.84 -16.30
N SER A 26 -8.03 -21.99 -17.14
CA SER A 26 -9.09 -22.42 -18.04
C SER A 26 -8.59 -23.47 -19.04
N GLN A 27 -7.27 -23.62 -19.13
CA GLN A 27 -6.70 -24.61 -20.03
C GLN A 27 -5.27 -24.93 -19.65
N SER A 28 -4.72 -25.99 -20.24
CA SER A 28 -3.35 -26.43 -19.94
C SER A 28 -2.29 -25.40 -20.26
N LEU A 29 -1.39 -25.21 -19.30
CA LEU A 29 -0.29 -24.26 -19.45
C LEU A 29 0.97 -25.05 -19.67
N LEU A 30 0.82 -26.30 -20.10
CA LEU A 30 1.96 -27.16 -20.34
C LEU A 30 2.38 -27.24 -21.81
N ASN A 31 3.68 -27.05 -22.04
CA ASN A 31 4.28 -27.13 -23.38
C ASN A 31 4.91 -28.51 -23.39
N SER A 32 4.34 -29.44 -24.16
CA SER A 32 4.87 -30.81 -24.21
C SER A 32 6.28 -30.99 -24.77
N ARG A 33 6.82 -29.97 -25.45
CA ARG A 33 8.15 -30.08 -26.01
C ARG A 33 9.22 -29.67 -25.00
N THR A 34 8.96 -28.60 -24.24
CA THR A 34 9.90 -28.14 -23.23
C THR A 34 9.52 -28.87 -21.94
N ARG A 35 8.27 -29.31 -21.91
CA ARG A 35 7.72 -30.04 -20.78
C ARG A 35 7.71 -29.23 -19.50
N LYS A 36 7.29 -27.98 -19.64
CA LYS A 36 7.20 -27.07 -18.49
C LYS A 36 5.88 -26.32 -18.52
N ASN A 37 5.38 -25.99 -17.35
CA ASN A 37 4.13 -25.23 -17.26
C ASN A 37 4.54 -23.81 -16.95
N TYR A 38 4.10 -22.88 -17.78
CA TYR A 38 4.44 -21.49 -17.58
C TYR A 38 3.45 -20.74 -16.71
N LEU A 39 3.50 -21.08 -15.42
CA LEU A 39 2.67 -20.47 -14.40
C LEU A 39 3.72 -19.97 -13.43
N ALA A 40 3.53 -18.73 -12.98
CA ALA A 40 4.43 -18.10 -12.04
C ALA A 40 3.62 -17.58 -10.84
N TRP A 41 4.30 -17.44 -9.69
CA TRP A 41 3.68 -16.95 -8.45
C TRP A 41 4.38 -15.70 -7.95
N TYR A 42 3.61 -14.66 -7.67
CA TYR A 42 4.20 -13.42 -7.18
C TYR A 42 3.66 -13.00 -5.81
N GLN A 43 4.52 -12.34 -5.04
CA GLN A 43 4.15 -11.84 -3.72
C GLN A 43 4.12 -10.31 -3.74
N GLN A 44 3.01 -9.74 -3.29
CA GLN A 44 2.88 -8.28 -3.24
C GLN A 44 2.47 -7.83 -1.84
N LYS A 45 3.37 -7.12 -1.16
CA LYS A 45 3.11 -6.60 0.17
C LYS A 45 2.58 -5.17 0.03
N PRO A 46 1.86 -4.69 1.04
CA PRO A 46 1.30 -3.33 1.02
C PRO A 46 2.31 -2.25 0.62
N GLY A 47 1.89 -1.36 -0.28
CA GLY A 47 2.78 -0.29 -0.72
C GLY A 47 3.96 -0.71 -1.57
N GLN A 48 4.05 -2.00 -1.90
CA GLN A 48 5.15 -2.52 -2.71
C GLN A 48 4.70 -2.98 -4.09
N SER A 49 5.68 -3.36 -4.89
CA SER A 49 5.43 -3.88 -6.23
C SER A 49 5.63 -5.37 -6.06
N PRO A 50 4.96 -6.19 -6.88
CA PRO A 50 5.06 -7.65 -6.82
C PRO A 50 6.48 -8.20 -7.00
N LYS A 51 6.76 -9.35 -6.42
CA LYS A 51 8.05 -10.00 -6.56
C LYS A 51 7.80 -11.48 -6.77
N VAL A 52 8.50 -12.07 -7.74
CA VAL A 52 8.34 -13.47 -8.07
C VAL A 52 8.83 -14.41 -6.96
N LEU A 53 8.15 -15.53 -6.82
CA LEU A 53 8.50 -16.53 -5.82
C LEU A 53 8.78 -17.84 -6.53
N ILE A 54 8.04 -18.06 -7.62
CA ILE A 54 8.12 -19.29 -8.39
C ILE A 54 7.81 -19.11 -9.87
N TYR A 55 8.49 -19.88 -10.71
CA TYR A 55 8.24 -19.86 -12.13
C TYR A 55 8.31 -21.30 -12.65
N TRP A 56 7.95 -21.51 -13.91
CA TRP A 56 7.95 -22.85 -14.45
C TRP A 56 7.03 -23.74 -13.59
N ALA A 57 6.12 -23.08 -12.88
CA ALA A 57 5.13 -23.74 -12.03
C ALA A 57 5.67 -24.28 -10.71
N SER A 58 6.89 -24.79 -10.74
CA SER A 58 7.46 -25.39 -9.54
C SER A 58 8.95 -25.15 -9.34
N THR A 59 9.48 -24.07 -9.89
CA THR A 59 10.88 -23.76 -9.69
C THR A 59 10.95 -22.50 -8.84
N ARG A 60 11.54 -22.64 -7.67
CA ARG A 60 11.68 -21.52 -6.74
C ARG A 60 12.64 -20.51 -7.35
N GLU A 61 12.36 -19.23 -7.16
CA GLU A 61 13.22 -18.19 -7.70
C GLU A 61 14.49 -18.07 -6.84
N SER A 62 15.60 -17.71 -7.48
CA SER A 62 16.86 -17.54 -6.76
C SER A 62 16.69 -16.59 -5.57
N GLY A 63 17.16 -16.99 -4.40
CA GLY A 63 17.05 -16.14 -3.22
C GLY A 63 15.72 -16.15 -2.48
N VAL A 64 14.79 -17.01 -2.89
CA VAL A 64 13.49 -17.07 -2.25
C VAL A 64 13.48 -18.16 -1.17
N PRO A 65 12.86 -17.86 -0.01
CA PRO A 65 12.76 -18.79 1.12
C PRO A 65 12.30 -20.18 0.68
N ASP A 66 12.97 -21.22 1.20
CA ASP A 66 12.64 -22.60 0.88
C ASP A 66 11.29 -23.09 1.42
N ARG A 67 10.61 -22.25 2.19
CA ARG A 67 9.32 -22.65 2.72
C ARG A 67 8.19 -22.32 1.75
N PHE A 68 8.58 -21.72 0.62
CA PHE A 68 7.66 -21.36 -0.46
C PHE A 68 7.79 -22.45 -1.52
N THR A 69 6.70 -23.16 -1.79
CA THR A 69 6.76 -24.20 -2.82
C THR A 69 5.54 -24.23 -3.72
N GLY A 70 5.81 -24.34 -5.02
CA GLY A 70 4.77 -24.40 -6.02
C GLY A 70 4.67 -25.81 -6.55
N ARG A 71 3.45 -26.25 -6.80
CA ARG A 71 3.19 -27.59 -7.30
C ARG A 71 2.12 -27.54 -8.37
N GLY A 72 1.92 -28.66 -9.06
CA GLY A 72 0.91 -28.70 -10.10
C GLY A 72 1.48 -28.79 -11.50
N SER A 73 0.65 -29.29 -12.42
CA SER A 73 1.01 -29.43 -13.82
C SER A 73 -0.29 -29.54 -14.59
N GLY A 74 -0.41 -28.78 -15.67
CA GLY A 74 -1.62 -28.80 -16.47
C GLY A 74 -2.48 -27.59 -16.18
N THR A 75 -3.60 -27.78 -15.47
CA THR A 75 -4.48 -26.68 -15.15
C THR A 75 -4.71 -26.43 -13.64
N ASP A 76 -4.26 -27.36 -12.79
CA ASP A 76 -4.41 -27.23 -11.34
C ASP A 76 -3.06 -27.00 -10.66
N PHE A 77 -2.90 -25.86 -10.00
CA PHE A 77 -1.63 -25.54 -9.37
C PHE A 77 -1.85 -25.03 -7.95
N THR A 78 -0.81 -25.15 -7.12
CA THR A 78 -0.88 -24.69 -5.75
C THR A 78 0.45 -24.09 -5.31
N LEU A 79 0.37 -23.18 -4.35
CA LEU A 79 1.55 -22.55 -3.75
C LEU A 79 1.48 -22.88 -2.28
N THR A 80 2.57 -23.42 -1.74
CA THR A 80 2.60 -23.79 -0.33
C THR A 80 3.65 -23.03 0.48
N ILE A 81 3.22 -22.56 1.66
CA ILE A 81 4.10 -21.87 2.61
C ILE A 81 4.11 -22.84 3.79
N SER A 82 5.25 -23.50 4.02
CA SER A 82 5.35 -24.47 5.10
C SER A 82 5.27 -23.89 6.50
N SER A 83 6.07 -22.87 6.80
CA SER A 83 6.04 -22.23 8.10
C SER A 83 5.89 -20.73 7.88
N VAL A 84 4.65 -20.25 8.03
CA VAL A 84 4.34 -18.85 7.80
C VAL A 84 4.91 -17.90 8.85
N GLN A 85 5.51 -16.81 8.37
CA GLN A 85 6.09 -15.81 9.24
C GLN A 85 5.23 -14.56 9.19
N ALA A 86 5.55 -13.61 10.07
CA ALA A 86 4.80 -12.37 10.11
C ALA A 86 5.00 -11.60 8.81
N GLU A 87 6.23 -11.61 8.29
CA GLU A 87 6.57 -10.89 7.06
C GLU A 87 6.11 -11.55 5.77
N ASP A 88 5.17 -12.48 5.87
CA ASP A 88 4.64 -13.17 4.71
C ASP A 88 3.25 -12.62 4.45
N GLN A 89 2.82 -11.71 5.31
CA GLN A 89 1.50 -11.10 5.16
C GLN A 89 1.52 -10.37 3.82
N ALA A 90 0.59 -10.72 2.96
CA ALA A 90 0.50 -10.10 1.65
C ALA A 90 -0.53 -10.83 0.81
N VAL A 91 -0.70 -10.36 -0.42
CA VAL A 91 -1.61 -11.00 -1.35
C VAL A 91 -0.71 -11.74 -2.34
N TYR A 92 -1.06 -12.99 -2.62
CA TYR A 92 -0.29 -13.80 -3.56
C TYR A 92 -1.10 -13.96 -4.82
N TYR A 93 -0.44 -13.78 -5.96
CA TYR A 93 -1.06 -13.88 -7.26
C TYR A 93 -0.32 -14.90 -8.11
N CYS A 94 -1.05 -15.59 -8.99
CA CYS A 94 -0.44 -16.54 -9.90
C CYS A 94 -0.60 -15.90 -11.27
N LYS A 95 0.26 -16.27 -12.19
CA LYS A 95 0.21 -15.73 -13.54
C LYS A 95 0.58 -16.78 -14.56
N GLN A 96 -0.16 -16.84 -15.65
CA GLN A 96 0.12 -17.78 -16.73
C GLN A 96 0.78 -16.98 -17.86
N ALA A 97 1.82 -17.54 -18.46
CA ALA A 97 2.51 -16.87 -19.55
C ALA A 97 2.73 -17.87 -20.68
N TYR A 98 1.81 -18.83 -20.75
CA TYR A 98 1.85 -19.88 -21.76
C TYR A 98 1.41 -19.35 -23.12
N ILE A 99 0.33 -18.57 -23.11
CA ILE A 99 -0.25 -17.98 -24.31
C ILE A 99 -0.69 -16.56 -24.01
N PRO A 100 -0.22 -15.57 -24.78
CA PRO A 100 -0.71 -14.23 -24.43
C PRO A 100 -2.20 -14.12 -24.76
N PRO A 101 -2.91 -13.18 -24.12
CA PRO A 101 -2.39 -12.23 -23.13
C PRO A 101 -2.06 -12.87 -21.78
N LEU A 102 -0.97 -12.44 -21.16
CA LEU A 102 -0.60 -12.94 -19.86
C LEU A 102 -1.78 -12.59 -18.94
N THR A 103 -2.21 -13.53 -18.12
CA THR A 103 -3.34 -13.28 -17.24
C THR A 103 -3.00 -13.61 -15.79
N PHE A 104 -3.48 -12.76 -14.89
CA PHE A 104 -3.27 -12.94 -13.45
C PHE A 104 -4.55 -13.45 -12.78
N GLY A 105 -4.38 -14.06 -11.61
CA GLY A 105 -5.51 -14.53 -10.84
C GLY A 105 -5.96 -13.35 -9.99
N ALA A 106 -6.96 -13.54 -9.14
CA ALA A 106 -7.44 -12.46 -8.30
C ALA A 106 -6.57 -12.26 -7.07
N GLY A 107 -5.82 -13.30 -6.71
CA GLY A 107 -4.96 -13.21 -5.56
C GLY A 107 -5.58 -13.79 -4.31
N THR A 108 -4.73 -14.15 -3.35
CA THR A 108 -5.15 -14.71 -2.07
C THR A 108 -4.44 -13.91 -1.01
N LYS A 109 -5.21 -13.35 -0.07
CA LYS A 109 -4.63 -12.54 1.00
C LYS A 109 -4.26 -13.39 2.20
N LEU A 110 -2.99 -13.31 2.60
CA LEU A 110 -2.48 -14.04 3.74
C LEU A 110 -2.48 -13.14 4.98
N GLU A 111 -3.36 -13.47 5.93
CA GLU A 111 -3.48 -12.73 7.17
C GLU A 111 -3.01 -13.61 8.33
N LEU A 112 -2.28 -13.04 9.27
CA LEU A 112 -1.79 -13.80 10.41
C LEU A 112 -2.80 -13.82 11.55
N LYS A 113 -2.56 -14.72 12.50
CA LYS A 113 -3.38 -14.89 13.69
C LYS A 113 -2.40 -14.85 14.84
N ARG A 114 -2.77 -14.15 15.90
CA ARG A 114 -1.92 -14.08 17.07
C ARG A 114 -2.76 -13.97 18.32
N ALA A 115 -2.08 -13.90 19.45
CA ALA A 115 -2.75 -13.78 20.74
C ALA A 115 -3.54 -12.49 20.74
N ASP A 116 -4.72 -12.51 21.35
CA ASP A 116 -5.54 -11.31 21.44
C ASP A 116 -4.70 -10.27 22.17
N ALA A 117 -4.93 -9.01 21.85
CA ALA A 117 -4.20 -7.91 22.49
C ALA A 117 -5.08 -6.68 22.48
N ALA A 118 -5.20 -6.04 23.64
CA ALA A 118 -6.00 -4.83 23.77
C ALA A 118 -5.22 -3.68 23.17
N PRO A 119 -5.93 -2.68 22.63
CA PRO A 119 -5.26 -1.53 22.02
C PRO A 119 -4.92 -0.52 23.11
N THR A 120 -3.76 0.13 22.99
CA THR A 120 -3.43 1.16 23.97
C THR A 120 -4.05 2.39 23.32
N VAL A 121 -4.96 3.03 24.05
CA VAL A 121 -5.67 4.19 23.54
C VAL A 121 -5.10 5.52 24.02
N SER A 122 -5.03 6.47 23.11
CA SER A 122 -4.51 7.80 23.42
C SER A 122 -5.41 8.84 22.75
N ILE A 123 -5.76 9.87 23.52
CA ILE A 123 -6.63 10.93 23.01
C ILE A 123 -5.88 12.26 23.04
N PHE A 124 -6.10 13.09 22.03
CA PHE A 124 -5.42 14.39 21.95
C PHE A 124 -6.34 15.55 21.60
N PRO A 125 -6.31 16.62 22.41
CA PRO A 125 -7.13 17.81 22.19
C PRO A 125 -6.61 18.57 20.97
N PRO A 126 -7.41 19.50 20.44
CA PRO A 126 -6.99 20.27 19.27
C PRO A 126 -5.72 21.03 19.59
N SER A 127 -4.90 21.32 18.59
CA SER A 127 -3.67 22.06 18.84
C SER A 127 -4.02 23.54 18.81
N SER A 128 -3.28 24.33 19.58
CA SER A 128 -3.52 25.76 19.61
C SER A 128 -3.41 26.33 18.19
N GLU A 129 -2.54 25.72 17.38
CA GLU A 129 -2.33 26.16 16.01
C GLU A 129 -3.60 25.99 15.19
N GLN A 130 -4.23 24.81 15.27
CA GLN A 130 -5.45 24.57 14.53
C GLN A 130 -6.55 25.50 15.02
N LEU A 131 -6.65 25.64 16.34
CA LEU A 131 -7.66 26.51 16.92
C LEU A 131 -7.60 27.93 16.39
N THR A 132 -6.40 28.38 16.04
CA THR A 132 -6.20 29.72 15.49
C THR A 132 -6.89 29.84 14.15
N SER A 133 -6.89 28.74 13.39
CA SER A 133 -7.51 28.70 12.08
C SER A 133 -9.03 28.64 12.16
N GLY A 134 -9.57 28.50 13.36
CA GLY A 134 -11.00 28.42 13.53
C GLY A 134 -11.50 26.98 13.40
N GLY A 135 -10.57 26.04 13.38
CA GLY A 135 -10.94 24.64 13.28
C GLY A 135 -10.62 23.90 14.58
N ALA A 136 -11.09 22.67 14.71
CA ALA A 136 -10.83 21.90 15.93
C ALA A 136 -10.97 20.40 15.75
N SER A 137 -9.84 19.71 15.69
CA SER A 137 -9.80 18.26 15.54
C SER A 137 -9.34 17.59 16.84
N VAL A 138 -10.06 16.55 17.25
CA VAL A 138 -9.74 15.81 18.44
C VAL A 138 -9.29 14.47 17.88
N VAL A 139 -8.13 13.99 18.32
CA VAL A 139 -7.61 12.74 17.80
C VAL A 139 -7.52 11.62 18.84
N CYS A 140 -7.86 10.42 18.39
CA CYS A 140 -7.84 9.26 19.26
C CYS A 140 -7.14 8.10 18.55
N PHE A 141 -5.99 7.69 19.08
CA PHE A 141 -5.23 6.58 18.51
C PHE A 141 -5.54 5.31 19.28
N LEU A 142 -5.80 4.22 18.56
CA LEU A 142 -6.05 2.92 19.15
C LEU A 142 -5.05 1.98 18.47
N ASN A 143 -3.88 1.84 19.10
CA ASN A 143 -2.79 1.06 18.52
C ASN A 143 -2.47 -0.33 19.06
N ASN A 144 -1.96 -1.16 18.14
CA ASN A 144 -1.53 -2.54 18.38
C ASN A 144 -2.51 -3.47 19.06
N PHE A 145 -3.61 -3.75 18.38
CA PHE A 145 -4.62 -4.64 18.93
C PHE A 145 -4.85 -5.82 18.00
N TYR A 146 -5.64 -6.79 18.49
CA TYR A 146 -5.98 -7.97 17.71
C TYR A 146 -7.07 -8.77 18.42
N PRO A 147 -8.09 -9.24 17.68
CA PRO A 147 -8.31 -9.10 16.24
C PRO A 147 -8.62 -7.67 15.76
N LYS A 148 -8.82 -7.54 14.46
CA LYS A 148 -9.10 -6.27 13.83
C LYS A 148 -10.47 -5.68 14.15
N ASP A 149 -11.43 -6.54 14.45
CA ASP A 149 -12.77 -6.10 14.78
C ASP A 149 -12.69 -5.15 15.97
N ILE A 150 -13.19 -3.95 15.77
CA ILE A 150 -13.16 -2.95 16.82
C ILE A 150 -14.08 -1.81 16.43
N ASN A 151 -14.80 -1.26 17.41
CA ASN A 151 -15.67 -0.14 17.13
C ASN A 151 -15.42 0.99 18.13
N VAL A 152 -15.26 2.19 17.58
CA VAL A 152 -15.00 3.38 18.38
C VAL A 152 -16.23 4.26 18.41
N LYS A 153 -16.46 4.89 19.55
CA LYS A 153 -17.60 5.77 19.70
C LYS A 153 -17.14 7.03 20.42
N TRP A 154 -17.46 8.18 19.86
CA TRP A 154 -17.10 9.44 20.49
C TRP A 154 -18.27 9.92 21.33
N LYS A 155 -17.97 10.80 22.28
CA LYS A 155 -19.00 11.37 23.14
C LYS A 155 -18.54 12.75 23.58
N ILE A 156 -19.47 13.71 23.54
CA ILE A 156 -19.20 15.07 23.94
C ILE A 156 -20.14 15.38 25.09
N ASP A 157 -19.57 15.54 26.28
CA ASP A 157 -20.35 15.80 27.48
C ASP A 157 -21.36 14.67 27.73
N GLY A 158 -20.94 13.44 27.41
CA GLY A 158 -21.82 12.30 27.62
C GLY A 158 -22.69 11.85 26.45
N SER A 159 -22.80 12.68 25.40
CA SER A 159 -23.63 12.34 24.24
C SER A 159 -22.81 11.87 23.03
N GLU A 160 -23.31 10.85 22.34
CA GLU A 160 -22.61 10.34 21.17
C GLU A 160 -22.65 11.31 20.00
N ARG A 161 -21.54 11.36 19.27
CA ARG A 161 -21.40 12.23 18.12
C ARG A 161 -20.92 11.36 16.97
N GLN A 162 -21.74 11.26 15.92
CA GLN A 162 -21.39 10.45 14.76
C GLN A 162 -20.89 11.33 13.62
N ASN A 163 -21.41 12.56 13.60
CA ASN A 163 -21.10 13.57 12.59
C ASN A 163 -19.64 14.05 12.64
N GLY A 164 -19.05 14.25 11.47
CA GLY A 164 -17.68 14.74 11.37
C GLY A 164 -16.58 13.87 11.95
N VAL A 165 -16.76 12.56 11.91
CA VAL A 165 -15.76 11.65 12.42
C VAL A 165 -15.06 11.01 11.22
N LEU A 166 -13.75 10.82 11.33
CA LEU A 166 -12.97 10.24 10.24
C LEU A 166 -12.06 9.16 10.80
N ASN A 167 -12.19 7.93 10.31
CA ASN A 167 -11.36 6.84 10.79
C ASN A 167 -10.43 6.27 9.72
N SER A 168 -9.35 5.62 10.18
CA SER A 168 -8.37 5.00 9.30
C SER A 168 -7.74 3.80 10.00
N TRP A 169 -7.44 2.75 9.24
CA TRP A 169 -6.84 1.54 9.80
C TRP A 169 -5.59 1.18 9.02
N THR A 170 -4.56 0.73 9.74
CA THR A 170 -3.33 0.32 9.10
C THR A 170 -3.50 -1.14 8.69
N ASP A 171 -2.63 -1.62 7.81
CA ASP A 171 -2.67 -3.00 7.40
C ASP A 171 -2.02 -3.78 8.56
N GLN A 172 -2.25 -5.08 8.64
CA GLN A 172 -1.66 -5.87 9.71
C GLN A 172 -0.15 -5.64 9.74
N ASP A 173 0.38 -5.42 10.94
CA ASP A 173 1.81 -5.15 11.13
C ASP A 173 2.73 -6.23 10.53
N SER A 174 3.94 -5.83 10.19
CA SER A 174 4.93 -6.72 9.60
C SER A 174 5.59 -7.68 10.60
N LYS A 175 5.95 -7.16 11.78
CA LYS A 175 6.59 -8.01 12.79
C LYS A 175 5.72 -8.26 14.02
N ASP A 176 4.73 -7.40 14.20
CA ASP A 176 3.85 -7.46 15.35
C ASP A 176 2.61 -8.32 15.03
N SER A 177 2.14 -8.19 13.79
CA SER A 177 0.96 -8.91 13.30
C SER A 177 -0.32 -8.32 13.88
N THR A 178 -0.22 -7.13 14.47
CA THR A 178 -1.37 -6.44 15.06
C THR A 178 -1.91 -5.37 14.13
N TYR A 179 -3.01 -4.75 14.55
CA TYR A 179 -3.63 -3.69 13.80
C TYR A 179 -3.72 -2.41 14.63
N SER A 180 -3.75 -1.28 13.95
CA SER A 180 -3.82 0.02 14.61
C SER A 180 -4.89 0.83 13.92
N MET A 181 -5.53 1.72 14.68
CA MET A 181 -6.60 2.55 14.15
C MET A 181 -6.42 4.00 14.53
N SER A 182 -7.05 4.87 13.77
CA SER A 182 -7.00 6.31 14.01
C SER A 182 -8.39 6.88 13.79
N SER A 183 -8.90 7.57 14.80
CA SER A 183 -10.22 8.18 14.71
C SER A 183 -10.09 9.68 15.01
N THR A 184 -10.57 10.51 14.09
CA THR A 184 -10.47 11.95 14.23
C THR A 184 -11.83 12.63 14.18
N LEU A 185 -12.11 13.46 15.18
CA LEU A 185 -13.35 14.19 15.25
C LEU A 185 -13.02 15.66 15.08
N THR A 186 -13.59 16.32 14.09
CA THR A 186 -13.29 17.75 13.93
C THR A 186 -14.58 18.56 14.00
N LEU A 187 -14.47 19.73 14.60
CA LEU A 187 -15.59 20.64 14.78
C LEU A 187 -15.07 22.05 14.53
N THR A 188 -15.94 23.03 14.68
CA THR A 188 -15.53 24.41 14.50
C THR A 188 -14.96 24.81 15.85
N LYS A 189 -14.16 25.87 15.87
CA LYS A 189 -13.60 26.33 17.13
C LYS A 189 -14.80 26.68 18.02
N ASP A 190 -15.82 27.26 17.41
CA ASP A 190 -17.04 27.68 18.11
C ASP A 190 -17.81 26.54 18.77
N GLU A 191 -18.15 25.51 18.02
CA GLU A 191 -18.89 24.39 18.60
C GLU A 191 -18.04 23.65 19.62
N TYR A 192 -16.73 23.70 19.43
CA TYR A 192 -15.81 23.03 20.34
C TYR A 192 -15.69 23.81 21.65
N GLU A 193 -15.89 25.12 21.58
CA GLU A 193 -15.82 26.02 22.73
C GLU A 193 -17.04 25.91 23.65
N ARG A 194 -18.11 25.27 23.17
CA ARG A 194 -19.33 25.13 23.95
C ARG A 194 -19.34 23.91 24.85
N HIS A 195 -18.45 22.96 24.60
CA HIS A 195 -18.43 21.73 25.39
C HIS A 195 -17.20 21.54 26.24
N ASN A 196 -17.34 20.71 27.27
CA ASN A 196 -16.25 20.44 28.20
C ASN A 196 -15.61 19.06 28.07
N SER A 197 -16.43 18.00 28.13
CA SER A 197 -15.92 16.64 28.05
C SER A 197 -15.91 16.07 26.63
N TYR A 198 -14.81 15.37 26.31
CA TYR A 198 -14.60 14.75 25.01
C TYR A 198 -13.97 13.39 25.28
N THR A 199 -14.60 12.33 24.81
CA THR A 199 -14.07 10.99 25.03
C THR A 199 -14.34 10.04 23.88
N CYS A 200 -13.40 9.14 23.63
CA CYS A 200 -13.55 8.14 22.59
C CYS A 200 -13.56 6.79 23.30
N GLU A 201 -14.51 5.95 22.93
CA GLU A 201 -14.63 4.65 23.55
C GLU A 201 -14.33 3.55 22.56
N ALA A 202 -13.50 2.61 23.01
CA ALA A 202 -13.13 1.50 22.18
C ALA A 202 -13.70 0.22 22.78
N THR A 203 -14.48 -0.50 21.99
CA THR A 203 -15.05 -1.77 22.42
C THR A 203 -14.32 -2.80 21.57
N HIS A 204 -13.58 -3.67 22.24
CA HIS A 204 -12.83 -4.68 21.53
C HIS A 204 -13.41 -6.05 21.81
N LYS A 205 -12.57 -6.94 22.32
CA LYS A 205 -12.94 -8.31 22.65
C LYS A 205 -12.23 -8.62 23.95
N THR A 206 -11.08 -7.98 24.12
CA THR A 206 -10.24 -8.14 25.30
C THR A 206 -10.85 -7.61 26.60
N SER A 207 -12.09 -7.13 26.54
CA SER A 207 -12.76 -6.61 27.74
C SER A 207 -14.25 -6.34 27.52
N THR A 208 -15.06 -6.70 28.50
CA THR A 208 -16.51 -6.48 28.43
C THR A 208 -16.76 -4.99 28.59
N SER A 209 -15.87 -4.33 29.34
CA SER A 209 -15.98 -2.91 29.57
C SER A 209 -15.14 -2.13 28.55
N PRO A 210 -15.72 -1.07 27.97
CA PRO A 210 -15.03 -0.25 26.97
C PRO A 210 -13.82 0.47 27.57
N ILE A 211 -12.75 0.57 26.79
CA ILE A 211 -11.58 1.30 27.26
C ILE A 211 -11.96 2.75 26.97
N VAL A 212 -11.87 3.62 27.97
CA VAL A 212 -12.23 5.01 27.73
C VAL A 212 -11.07 5.96 27.97
N LYS A 213 -11.08 7.05 27.22
CA LYS A 213 -10.07 8.09 27.33
C LYS A 213 -10.77 9.40 27.09
N SER A 214 -10.71 10.27 28.10
CA SER A 214 -11.36 11.56 28.02
C SER A 214 -10.39 12.63 28.49
N PHE A 215 -10.77 13.87 28.26
CA PHE A 215 -9.98 15.03 28.66
C PHE A 215 -10.98 16.16 28.64
N ASN A 216 -10.89 17.07 29.60
CA ASN A 216 -11.83 18.18 29.65
C ASN A 216 -11.24 19.48 29.12
N ARG A 217 -12.01 20.13 28.25
CA ARG A 217 -11.64 21.39 27.62
C ARG A 217 -11.28 22.45 28.68
N ASN A 218 -11.57 22.16 29.94
CA ASN A 218 -11.26 23.09 31.03
C ASN A 218 -9.77 23.19 31.29
N GLU A 219 -9.21 22.12 31.86
CA GLU A 219 -7.78 22.05 32.16
C GLU A 219 -6.97 22.23 30.87
N CYS A 220 -7.65 22.08 29.73
CA CYS A 220 -7.02 22.22 28.42
C CYS A 220 -7.50 23.50 27.73
N GLN B 1 21.27 -4.49 -8.17
CA GLN B 1 22.07 -4.65 -9.42
C GLN B 1 21.29 -4.07 -10.60
N ILE B 2 20.24 -4.75 -11.03
CA ILE B 2 19.40 -4.27 -12.13
C ILE B 2 18.33 -3.35 -11.56
N GLN B 3 18.05 -2.25 -12.25
CA GLN B 3 17.04 -1.32 -11.75
C GLN B 3 16.14 -0.68 -12.81
N LEU B 4 14.93 -0.36 -12.36
CA LEU B 4 13.92 0.29 -13.19
C LEU B 4 13.37 1.44 -12.35
N VAL B 5 13.70 2.66 -12.74
CA VAL B 5 13.22 3.84 -12.01
C VAL B 5 12.03 4.45 -12.75
N GLN B 6 10.95 4.69 -12.03
CA GLN B 6 9.76 5.24 -12.66
C GLN B 6 9.43 6.68 -12.25
N SER B 7 8.89 7.44 -13.19
CA SER B 7 8.52 8.83 -12.94
C SER B 7 7.57 8.93 -11.73
N GLY B 8 7.50 10.12 -11.14
CA GLY B 8 6.66 10.33 -9.98
C GLY B 8 5.15 10.35 -10.18
N PRO B 9 4.38 10.43 -9.08
CA PRO B 9 2.91 10.45 -9.09
C PRO B 9 2.40 11.54 -10.03
N GLU B 10 1.34 11.23 -10.76
CA GLU B 10 0.76 12.19 -11.70
C GLU B 10 -0.67 12.54 -11.31
N LEU B 11 -1.02 13.81 -11.53
CA LEU B 11 -2.35 14.29 -11.25
C LEU B 11 -2.84 15.01 -12.49
N LYS B 12 -3.72 14.34 -13.23
CA LYS B 12 -4.28 14.89 -14.45
C LYS B 12 -5.79 15.02 -14.28
N LYS B 13 -6.40 15.87 -15.08
CA LYS B 13 -7.84 16.02 -15.01
C LYS B 13 -8.41 15.22 -16.15
N PRO B 14 -9.72 14.91 -16.10
CA PRO B 14 -10.31 14.14 -17.19
C PRO B 14 -10.06 14.81 -18.52
N GLY B 15 -9.82 14.01 -19.56
CA GLY B 15 -9.56 14.54 -20.89
C GLY B 15 -8.09 14.73 -21.21
N GLU B 16 -7.33 15.28 -20.26
CA GLU B 16 -5.92 15.50 -20.52
C GLU B 16 -5.23 14.17 -20.70
N THR B 17 -3.98 14.21 -21.16
CA THR B 17 -3.22 13.00 -21.38
C THR B 17 -1.95 13.04 -20.54
N VAL B 18 -1.38 11.88 -20.27
CA VAL B 18 -0.17 11.80 -19.46
C VAL B 18 0.81 10.83 -20.08
N LYS B 19 2.08 10.97 -19.71
CA LYS B 19 3.12 10.09 -20.21
C LYS B 19 4.11 9.90 -19.08
N ILE B 20 4.47 8.65 -18.82
CA ILE B 20 5.41 8.33 -17.75
C ILE B 20 6.58 7.53 -18.30
N SER B 21 7.67 7.45 -17.53
CA SER B 21 8.85 6.74 -17.96
C SER B 21 9.25 5.59 -17.05
N CYS B 22 10.22 4.83 -17.50
CA CYS B 22 10.74 3.67 -16.79
C CYS B 22 12.15 3.47 -17.31
N LYS B 23 13.15 3.85 -16.51
CA LYS B 23 14.53 3.75 -16.92
C LYS B 23 15.20 2.48 -16.41
N ALA B 24 15.75 1.70 -17.34
CA ALA B 24 16.43 0.45 -17.00
C ALA B 24 17.89 0.73 -16.70
N SER B 25 18.48 -0.08 -15.83
CA SER B 25 19.87 0.09 -15.46
C SER B 25 20.45 -1.25 -15.02
N GLY B 26 21.71 -1.51 -15.37
CA GLY B 26 22.35 -2.74 -14.98
C GLY B 26 22.28 -3.89 -15.97
N TYR B 27 21.59 -3.69 -17.09
CA TYR B 27 21.50 -4.74 -18.08
C TYR B 27 21.39 -4.13 -19.48
N THR B 28 21.52 -4.99 -20.48
CA THR B 28 21.43 -4.53 -21.85
C THR B 28 19.95 -4.39 -22.21
N PHE B 29 19.46 -3.15 -22.13
CA PHE B 29 18.07 -2.79 -22.40
C PHE B 29 17.45 -3.50 -23.59
N THR B 30 18.14 -3.44 -24.73
CA THR B 30 17.70 -4.01 -26.00
C THR B 30 17.52 -5.54 -26.05
N ASP B 31 17.91 -6.23 -24.99
CA ASP B 31 17.82 -7.70 -24.96
C ASP B 31 16.62 -8.32 -24.25
N PHE B 32 15.78 -7.52 -23.62
CA PHE B 32 14.63 -8.08 -22.91
C PHE B 32 13.35 -7.30 -23.18
N SER B 33 12.23 -8.00 -23.28
CA SER B 33 10.96 -7.35 -23.50
C SER B 33 10.58 -6.58 -22.22
N MET B 34 9.92 -5.45 -22.38
CA MET B 34 9.50 -4.62 -21.25
C MET B 34 7.98 -4.64 -21.20
N HIS B 35 7.42 -4.96 -20.05
CA HIS B 35 5.97 -5.03 -19.92
C HIS B 35 5.35 -4.01 -18.98
N TRP B 36 4.07 -3.78 -19.15
CA TRP B 36 3.36 -2.84 -18.30
C TRP B 36 2.17 -3.53 -17.62
N VAL B 37 2.10 -3.37 -16.30
CA VAL B 37 1.01 -3.94 -15.51
C VAL B 37 0.39 -2.83 -14.68
N ASN B 38 -0.93 -2.78 -14.62
CA ASN B 38 -1.57 -1.74 -13.85
C ASN B 38 -2.35 -2.33 -12.67
N GLN B 39 -2.76 -1.48 -11.74
CA GLN B 39 -3.49 -1.91 -10.57
C GLN B 39 -4.28 -0.77 -9.98
N ALA B 40 -5.61 -0.90 -10.03
CA ALA B 40 -6.48 0.13 -9.49
C ALA B 40 -6.49 -0.01 -7.97
N PRO B 41 -6.83 1.07 -7.26
CA PRO B 41 -6.87 1.09 -5.79
C PRO B 41 -7.71 -0.07 -5.27
N GLY B 42 -7.12 -0.89 -4.41
CA GLY B 42 -7.83 -2.02 -3.86
C GLY B 42 -8.26 -3.05 -4.90
N LYS B 43 -7.39 -3.34 -5.86
CA LYS B 43 -7.72 -4.33 -6.88
C LYS B 43 -6.53 -5.20 -7.28
N GLY B 44 -6.77 -6.06 -8.26
CA GLY B 44 -5.72 -6.95 -8.72
C GLY B 44 -4.87 -6.37 -9.84
N LEU B 45 -3.90 -7.16 -10.29
CA LEU B 45 -2.98 -6.76 -11.35
C LEU B 45 -3.57 -7.10 -12.72
N ASN B 46 -3.35 -6.21 -13.68
CA ASN B 46 -3.83 -6.44 -15.05
C ASN B 46 -2.68 -6.28 -16.02
N TRP B 47 -2.50 -7.27 -16.89
CA TRP B 47 -1.44 -7.19 -17.88
C TRP B 47 -1.93 -6.19 -18.94
N MET B 48 -1.12 -5.19 -19.24
CA MET B 48 -1.51 -4.19 -20.22
C MET B 48 -0.98 -4.51 -21.61
N GLY B 49 0.21 -5.12 -21.66
CA GLY B 49 0.83 -5.45 -22.93
C GLY B 49 2.34 -5.38 -22.78
N TRP B 50 3.05 -5.34 -23.91
CA TRP B 50 4.51 -5.28 -23.87
C TRP B 50 5.12 -4.58 -25.09
N VAL B 51 6.39 -4.22 -24.97
CA VAL B 51 7.10 -3.58 -26.07
C VAL B 51 8.34 -4.39 -26.36
N ASN B 52 8.54 -4.69 -27.64
CA ASN B 52 9.71 -5.43 -28.08
C ASN B 52 10.80 -4.36 -28.08
N THR B 53 11.76 -4.46 -27.17
CA THR B 53 12.84 -3.48 -27.05
C THR B 53 13.83 -3.47 -28.21
N GLU B 54 14.05 -4.63 -28.82
CA GLU B 54 14.96 -4.73 -29.95
C GLU B 54 14.30 -4.22 -31.23
N THR B 55 12.97 -4.21 -31.23
CA THR B 55 12.21 -3.83 -32.41
C THR B 55 11.31 -2.59 -32.27
N GLY B 56 10.89 -2.31 -31.04
CA GLY B 56 10.03 -1.17 -30.78
C GLY B 56 8.54 -1.47 -30.95
N GLU B 57 8.22 -2.63 -31.49
CA GLU B 57 6.83 -3.01 -31.72
C GLU B 57 6.07 -3.32 -30.43
N PRO B 58 4.95 -2.61 -30.19
CA PRO B 58 4.13 -2.81 -29.00
C PRO B 58 2.92 -3.73 -29.24
N THR B 59 2.56 -4.51 -28.22
CA THR B 59 1.40 -5.39 -28.28
C THR B 59 0.56 -5.02 -27.06
N TYR B 60 -0.72 -4.72 -27.30
CA TYR B 60 -1.64 -4.30 -26.24
C TYR B 60 -2.74 -5.33 -25.96
N ALA B 61 -3.17 -5.41 -24.70
CA ALA B 61 -4.23 -6.32 -24.32
C ALA B 61 -5.57 -5.67 -24.65
N ASP B 62 -6.53 -6.46 -25.13
CA ASP B 62 -7.84 -5.95 -25.52
C ASP B 62 -8.34 -4.76 -24.70
N ASP B 63 -8.14 -4.83 -23.39
CA ASP B 63 -8.59 -3.77 -22.49
C ASP B 63 -7.80 -2.47 -22.57
N PHE B 64 -6.52 -2.57 -22.93
CA PHE B 64 -5.68 -1.39 -23.03
C PHE B 64 -5.34 -1.11 -24.48
N LYS B 65 -6.33 -1.33 -25.33
CA LYS B 65 -6.20 -1.13 -26.75
C LYS B 65 -7.06 0.09 -27.12
N GLY B 66 -6.41 1.17 -27.51
CA GLY B 66 -7.14 2.37 -27.87
C GLY B 66 -6.44 3.69 -27.59
N ARG B 67 -6.33 4.05 -26.32
CA ARG B 67 -5.69 5.31 -25.96
C ARG B 67 -4.36 5.17 -25.21
N PHE B 68 -3.86 3.94 -25.17
CA PHE B 68 -2.59 3.65 -24.49
C PHE B 68 -1.50 3.42 -25.52
N ALA B 69 -0.30 3.93 -25.25
CA ALA B 69 0.81 3.75 -26.17
C ALA B 69 2.13 3.50 -25.47
N PHE B 70 2.84 2.46 -25.91
CA PHE B 70 4.14 2.12 -25.35
C PHE B 70 5.16 2.78 -26.29
N SER B 71 6.12 3.51 -25.71
CA SER B 71 7.16 4.21 -26.50
C SER B 71 8.56 3.74 -26.09
N LEU B 72 9.57 4.11 -26.88
CA LEU B 72 10.94 3.69 -26.59
C LEU B 72 12.02 4.72 -26.92
N GLU B 73 13.12 4.68 -26.18
CA GLU B 73 14.27 5.55 -26.40
C GLU B 73 15.50 4.70 -26.04
N THR B 74 15.88 3.85 -26.97
CA THR B 74 17.00 2.92 -26.80
C THR B 74 18.28 3.54 -26.27
N SER B 75 18.62 4.70 -26.80
CA SER B 75 19.82 5.39 -26.37
C SER B 75 19.76 5.64 -24.88
N ALA B 76 18.60 6.08 -24.39
CA ALA B 76 18.42 6.36 -22.97
C ALA B 76 17.97 5.13 -22.16
N SER B 77 17.87 3.98 -22.82
CA SER B 77 17.45 2.75 -22.15
C SER B 77 16.18 2.98 -21.33
N THR B 78 15.25 3.72 -21.92
CA THR B 78 13.99 4.05 -21.26
C THR B 78 12.76 3.63 -22.06
N ALA B 79 11.68 3.36 -21.34
CA ALA B 79 10.41 2.97 -21.93
C ALA B 79 9.38 3.95 -21.42
N TYR B 80 8.44 4.34 -22.28
CA TYR B 80 7.40 5.30 -21.91
C TYR B 80 6.02 4.72 -22.07
N LEU B 81 5.08 5.21 -21.27
CA LEU B 81 3.70 4.79 -21.34
C LEU B 81 2.89 6.07 -21.39
N GLN B 82 2.09 6.23 -22.44
CA GLN B 82 1.26 7.42 -22.56
C GLN B 82 -0.21 7.04 -22.57
N ILE B 83 -1.01 7.76 -21.82
CA ILE B 83 -2.44 7.51 -21.77
C ILE B 83 -3.15 8.78 -22.16
N ASN B 84 -3.78 8.77 -23.33
CA ASN B 84 -4.51 9.91 -23.85
C ASN B 84 -5.96 9.89 -23.38
N SER B 85 -6.62 11.04 -23.47
CA SER B 85 -8.02 11.17 -23.08
C SER B 85 -8.30 10.51 -21.73
N LEU B 86 -7.53 10.88 -20.71
CA LEU B 86 -7.70 10.30 -19.38
C LEU B 86 -9.12 10.35 -18.84
N LYS B 87 -9.57 9.22 -18.32
CA LYS B 87 -10.92 9.10 -17.77
C LYS B 87 -10.84 8.80 -16.27
N ASN B 88 -11.89 9.17 -15.53
CA ASN B 88 -11.93 8.96 -14.08
C ASN B 88 -12.03 7.47 -13.77
N GLU B 89 -11.23 6.68 -14.47
CA GLU B 89 -11.24 5.24 -14.27
C GLU B 89 -9.83 4.71 -14.47
N ASP B 90 -8.99 5.49 -15.14
CA ASP B 90 -7.60 5.11 -15.37
C ASP B 90 -6.77 5.37 -14.11
N THR B 91 -7.43 5.79 -13.03
CA THR B 91 -6.72 6.06 -11.78
C THR B 91 -6.15 4.75 -11.25
N ALA B 92 -4.85 4.56 -11.48
CA ALA B 92 -4.18 3.34 -11.06
C ALA B 92 -2.68 3.58 -10.86
N THR B 93 -1.97 2.53 -10.45
CA THR B 93 -0.54 2.63 -10.21
C THR B 93 0.41 2.46 -11.41
N TYR B 94 0.18 1.48 -12.27
CA TYR B 94 1.05 1.34 -13.45
C TYR B 94 2.51 1.02 -13.20
N PHE B 95 2.85 -0.28 -13.25
CA PHE B 95 4.21 -0.75 -13.05
C PHE B 95 4.84 -1.13 -14.38
N CYS B 96 6.16 -1.09 -14.45
CA CYS B 96 6.88 -1.54 -15.64
C CYS B 96 7.70 -2.69 -15.08
N ALA B 97 7.85 -3.75 -15.87
CA ALA B 97 8.61 -4.90 -15.41
C ALA B 97 9.40 -5.52 -16.55
N ARG B 98 10.55 -6.10 -16.22
CA ARG B 98 11.41 -6.75 -17.19
C ARG B 98 11.00 -8.24 -17.24
N PHE B 99 10.87 -8.76 -18.46
CA PHE B 99 10.44 -10.14 -18.70
C PHE B 99 11.57 -11.04 -19.19
N LEU B 100 11.67 -12.23 -18.62
CA LEU B 100 12.70 -13.20 -19.01
C LEU B 100 12.09 -14.29 -19.89
N LEU B 101 12.92 -15.04 -20.58
CA LEU B 101 12.45 -16.10 -21.46
C LEU B 101 11.80 -17.26 -20.73
N ARG B 102 12.03 -17.33 -19.42
CA ARG B 102 11.45 -18.39 -18.60
C ARG B 102 10.01 -17.98 -18.30
N GLN B 103 9.60 -16.90 -18.97
CA GLN B 103 8.24 -16.35 -18.90
C GLN B 103 7.77 -15.82 -17.54
N TYR B 104 8.58 -14.99 -16.90
CA TYR B 104 8.20 -14.40 -15.63
C TYR B 104 8.96 -13.09 -15.43
N PHE B 105 8.39 -12.19 -14.63
CA PHE B 105 8.99 -10.89 -14.35
C PHE B 105 9.94 -10.99 -13.15
N ASP B 106 11.20 -10.59 -13.34
CA ASP B 106 12.17 -10.66 -12.26
C ASP B 106 12.57 -9.28 -11.72
N VAL B 107 12.15 -8.23 -12.41
CA VAL B 107 12.47 -6.87 -12.00
C VAL B 107 11.28 -5.98 -12.29
N TRP B 108 10.88 -5.18 -11.31
CA TRP B 108 9.76 -4.27 -11.48
C TRP B 108 10.13 -2.85 -11.14
N GLY B 109 9.28 -1.91 -11.55
CA GLY B 109 9.50 -0.53 -11.22
C GLY B 109 8.66 -0.41 -9.96
N ALA B 110 8.78 0.68 -9.22
CA ALA B 110 7.98 0.82 -8.01
C ALA B 110 6.52 1.15 -8.34
N GLY B 111 6.28 1.61 -9.57
CA GLY B 111 4.93 1.95 -9.99
C GLY B 111 4.75 3.45 -9.96
N THR B 112 3.98 3.98 -10.91
CA THR B 112 3.73 5.40 -10.99
C THR B 112 2.23 5.65 -10.84
N THR B 113 1.83 6.22 -9.72
CA THR B 113 0.43 6.49 -9.52
C THR B 113 -0.05 7.67 -10.36
N VAL B 114 -1.25 7.58 -10.91
CA VAL B 114 -1.82 8.68 -11.67
C VAL B 114 -3.26 8.87 -11.17
N THR B 115 -3.59 10.10 -10.80
CA THR B 115 -4.91 10.39 -10.31
C THR B 115 -5.63 11.26 -11.32
N VAL B 116 -6.82 10.83 -11.71
CA VAL B 116 -7.63 11.58 -12.65
C VAL B 116 -8.75 12.17 -11.82
N SER B 117 -8.70 13.49 -11.63
CA SER B 117 -9.69 14.20 -10.84
C SER B 117 -9.67 15.68 -11.18
N SER B 118 -10.76 16.37 -10.83
CA SER B 118 -10.88 17.80 -11.10
C SER B 118 -10.58 18.63 -9.85
N ALA B 119 -10.28 17.94 -8.76
CA ALA B 119 -9.96 18.60 -7.50
C ALA B 119 -8.66 19.39 -7.62
N LYS B 120 -8.58 20.49 -6.88
CA LYS B 120 -7.40 21.36 -6.90
C LYS B 120 -6.31 21.00 -5.90
N THR B 121 -5.05 21.04 -6.37
CA THR B 121 -3.91 20.77 -5.51
C THR B 121 -4.04 21.80 -4.39
N THR B 122 -3.81 21.37 -3.16
CA THR B 122 -3.94 22.25 -2.01
C THR B 122 -2.95 21.83 -0.92
N PRO B 123 -2.29 22.81 -0.30
CA PRO B 123 -1.31 22.56 0.77
C PRO B 123 -1.96 22.01 2.03
N PRO B 124 -1.22 21.19 2.79
CA PRO B 124 -1.75 20.61 4.03
C PRO B 124 -1.48 21.54 5.21
N SER B 125 -2.06 21.20 6.35
CA SER B 125 -1.83 21.94 7.58
C SER B 125 -1.32 20.87 8.51
N VAL B 126 -0.17 21.11 9.13
CA VAL B 126 0.40 20.12 10.01
C VAL B 126 0.27 20.57 11.44
N TYR B 127 -0.37 19.74 12.26
CA TYR B 127 -0.57 20.10 13.65
C TYR B 127 0.03 19.04 14.54
N PRO B 128 0.75 19.48 15.58
CA PRO B 128 1.38 18.57 16.54
C PRO B 128 0.30 18.08 17.52
N LEU B 129 0.36 16.79 17.87
CA LEU B 129 -0.59 16.17 18.79
C LEU B 129 0.11 15.78 20.09
N ALA B 130 0.06 16.67 21.07
CA ALA B 130 0.66 16.43 22.38
C ALA B 130 -0.46 16.06 23.35
N PRO B 131 -0.21 15.13 24.28
CA PRO B 131 -1.25 14.74 25.23
C PRO B 131 -1.77 15.90 26.07
N GLY B 132 -2.91 15.69 26.72
CA GLY B 132 -3.48 16.75 27.55
C GLY B 132 -2.65 17.09 28.77
N SER B 133 -2.81 18.30 29.27
CA SER B 133 -2.08 18.75 30.43
C SER B 133 -2.31 17.85 31.64
N ALA B 134 -3.51 17.29 31.74
CA ALA B 134 -3.86 16.43 32.86
C ALA B 134 -3.73 14.95 32.51
N ALA B 135 -2.96 14.64 31.47
CA ALA B 135 -2.77 13.25 31.05
C ALA B 135 -1.87 12.49 32.03
N GLN B 136 -2.26 11.26 32.35
CA GLN B 136 -1.49 10.43 33.27
C GLN B 136 -0.23 9.89 32.61
N THR B 137 0.86 9.85 33.39
CA THR B 137 2.15 9.38 32.89
C THR B 137 2.34 7.87 32.96
N ASN B 138 2.54 7.26 31.80
CA ASN B 138 2.76 5.81 31.70
C ASN B 138 4.20 5.49 31.29
N SER B 139 4.53 4.21 31.22
CA SER B 139 5.88 3.81 30.84
C SER B 139 6.24 4.35 29.44
N MET B 140 5.24 4.35 28.55
CA MET B 140 5.41 4.83 27.19
C MET B 140 4.45 6.00 26.91
N VAL B 141 4.86 6.89 26.02
CA VAL B 141 4.02 8.00 25.66
C VAL B 141 3.84 8.03 24.16
N THR B 142 2.61 8.26 23.72
CA THR B 142 2.32 8.34 22.30
C THR B 142 2.20 9.80 21.92
N LEU B 143 2.83 10.17 20.80
CA LEU B 143 2.76 11.53 20.31
C LEU B 143 2.17 11.43 18.91
N GLY B 144 1.75 12.56 18.36
CA GLY B 144 1.15 12.51 17.06
C GLY B 144 1.31 13.75 16.21
N CYS B 145 1.05 13.55 14.93
CA CYS B 145 1.16 14.60 13.93
C CYS B 145 -0.11 14.45 13.09
N LEU B 146 -0.79 15.55 12.86
CA LEU B 146 -2.00 15.52 12.05
C LEU B 146 -1.81 16.36 10.78
N VAL B 147 -1.91 15.70 9.62
CA VAL B 147 -1.76 16.41 8.35
C VAL B 147 -3.13 16.50 7.70
N LYS B 148 -3.71 17.70 7.70
CA LYS B 148 -5.05 17.88 7.17
C LYS B 148 -5.22 18.90 6.04
N GLY B 149 -6.15 18.59 5.14
CA GLY B 149 -6.47 19.47 4.02
C GLY B 149 -5.59 19.55 2.78
N TYR B 150 -4.99 18.44 2.34
CA TYR B 150 -4.13 18.50 1.14
C TYR B 150 -4.75 17.64 0.06
N PHE B 151 -4.38 17.85 -1.20
CA PHE B 151 -4.98 17.01 -2.22
C PHE B 151 -4.12 15.95 -2.90
N PRO B 152 -3.37 16.29 -3.96
CA PRO B 152 -2.60 15.18 -4.53
C PRO B 152 -2.15 14.31 -3.36
N GLU B 153 -2.47 13.02 -3.39
CA GLU B 153 -2.14 12.14 -2.28
C GLU B 153 -0.70 12.04 -1.80
N PRO B 154 0.26 11.90 -2.72
CA PRO B 154 1.65 11.79 -2.29
C PRO B 154 2.06 12.72 -1.14
N VAL B 155 2.18 12.15 0.06
CA VAL B 155 2.59 12.89 1.25
C VAL B 155 3.44 11.91 2.08
N THR B 156 4.58 12.37 2.58
CA THR B 156 5.43 11.50 3.38
C THR B 156 5.57 12.06 4.78
N VAL B 157 5.79 11.17 5.75
CA VAL B 157 5.93 11.56 7.14
C VAL B 157 7.00 10.75 7.84
N THR B 158 7.84 11.41 8.60
CA THR B 158 8.87 10.73 9.33
C THR B 158 8.96 11.43 10.67
N TRP B 159 9.74 10.83 11.56
CA TRP B 159 9.95 11.37 12.89
C TRP B 159 11.44 11.42 13.13
N ASN B 160 11.92 12.53 13.68
CA ASN B 160 13.34 12.70 13.95
C ASN B 160 14.17 12.25 12.76
N SER B 161 13.67 12.53 11.56
CA SER B 161 14.35 12.19 10.33
C SER B 161 14.68 10.70 10.18
N GLY B 162 13.75 9.85 10.58
CA GLY B 162 13.97 8.42 10.48
C GLY B 162 14.56 7.76 11.71
N SER B 163 15.23 8.54 12.55
CA SER B 163 15.83 7.99 13.78
C SER B 163 14.78 7.17 14.52
N LEU B 164 13.55 7.67 14.54
CA LEU B 164 12.43 6.97 15.17
C LEU B 164 11.68 6.32 14.03
N SER B 165 11.83 5.01 13.87
CA SER B 165 11.12 4.34 12.79
C SER B 165 10.38 3.16 13.39
N SER B 166 10.80 2.77 14.58
CA SER B 166 10.16 1.68 15.30
C SER B 166 9.16 2.40 16.22
N GLY B 167 7.96 1.85 16.36
CA GLY B 167 6.98 2.50 17.23
C GLY B 167 6.21 3.60 16.52
N VAL B 168 6.19 3.54 15.20
CA VAL B 168 5.47 4.52 14.41
C VAL B 168 4.30 3.87 13.70
N HIS B 169 3.26 4.66 13.47
CA HIS B 169 2.07 4.19 12.77
C HIS B 169 1.55 5.36 11.98
N THR B 170 1.59 5.22 10.67
CA THR B 170 1.09 6.26 9.79
C THR B 170 -0.14 5.67 9.14
N PHE B 171 -1.26 6.36 9.31
CA PHE B 171 -2.50 5.87 8.79
C PHE B 171 -2.82 6.30 7.38
N PRO B 172 -3.37 5.37 6.58
CA PRO B 172 -3.72 5.69 5.19
C PRO B 172 -4.58 6.96 5.18
N ALA B 173 -4.31 7.83 4.21
CA ALA B 173 -5.04 9.07 4.12
C ALA B 173 -6.50 8.80 3.76
N VAL B 174 -7.41 9.60 4.32
CA VAL B 174 -8.83 9.47 4.04
C VAL B 174 -9.26 10.68 3.21
N LEU B 175 -9.99 10.41 2.13
CA LEU B 175 -10.48 11.47 1.26
C LEU B 175 -11.85 11.97 1.72
N GLN B 176 -11.99 13.29 1.81
CA GLN B 176 -13.26 13.86 2.23
C GLN B 176 -13.46 15.17 1.50
N SER B 177 -14.36 15.13 0.52
CA SER B 177 -14.70 16.28 -0.30
C SER B 177 -13.49 17.00 -0.88
N ASP B 178 -12.77 16.28 -1.74
CA ASP B 178 -11.58 16.77 -2.43
C ASP B 178 -10.36 17.05 -1.55
N LEU B 179 -10.47 16.75 -0.27
CA LEU B 179 -9.35 17.00 0.63
C LEU B 179 -9.00 15.80 1.51
N TYR B 180 -7.74 15.40 1.51
CA TYR B 180 -7.30 14.28 2.34
C TYR B 180 -6.84 14.80 3.70
N THR B 181 -6.83 13.89 4.68
CA THR B 181 -6.33 14.21 6.01
C THR B 181 -5.67 12.91 6.45
N LEU B 182 -4.54 13.04 7.12
CA LEU B 182 -3.81 11.87 7.55
C LEU B 182 -3.26 12.15 8.91
N SER B 183 -2.93 11.10 9.66
CA SER B 183 -2.37 11.26 10.98
C SER B 183 -1.26 10.23 11.14
N SER B 184 -0.36 10.50 12.07
CA SER B 184 0.75 9.59 12.32
C SER B 184 1.05 9.64 13.79
N SER B 185 1.33 8.49 14.37
CA SER B 185 1.65 8.43 15.78
C SER B 185 3.01 7.80 15.99
N VAL B 186 3.65 8.15 17.10
CA VAL B 186 4.94 7.61 17.44
C VAL B 186 4.91 7.36 18.93
N THR B 187 5.46 6.24 19.35
CA THR B 187 5.45 5.92 20.77
C THR B 187 6.88 5.70 21.26
N VAL B 188 7.24 6.43 22.30
CA VAL B 188 8.57 6.36 22.89
C VAL B 188 8.42 6.38 24.40
N PRO B 189 9.48 6.00 25.14
CA PRO B 189 9.43 5.99 26.60
C PRO B 189 9.23 7.40 27.18
N SER B 190 8.40 7.50 28.22
CA SER B 190 8.14 8.79 28.87
C SER B 190 9.43 9.36 29.44
N SER B 191 10.34 8.47 29.82
CA SER B 191 11.60 8.88 30.41
C SER B 191 12.44 9.70 29.44
N THR B 192 12.10 9.62 28.14
CA THR B 192 12.84 10.33 27.12
C THR B 192 12.13 11.54 26.52
N TRP B 193 10.90 11.79 26.97
CA TRP B 193 10.14 12.94 26.49
C TRP B 193 9.46 13.62 27.68
N PRO B 194 9.50 14.96 27.73
CA PRO B 194 10.14 15.83 26.74
C PRO B 194 11.65 16.03 26.85
N SER B 195 12.33 15.17 27.61
CA SER B 195 13.79 15.26 27.78
C SER B 195 14.48 15.35 26.41
N GLU B 196 14.14 14.42 25.52
CA GLU B 196 14.69 14.40 24.18
C GLU B 196 13.56 14.87 23.27
N THR B 197 13.89 15.68 22.28
CA THR B 197 12.91 16.23 21.38
C THR B 197 12.35 15.22 20.38
N VAL B 198 11.15 15.51 19.91
CA VAL B 198 10.46 14.66 18.94
C VAL B 198 9.78 15.59 17.96
N THR B 199 10.10 15.42 16.68
CA THR B 199 9.52 16.28 15.66
C THR B 199 9.06 15.42 14.49
N CYS B 200 7.95 15.78 13.86
CA CYS B 200 7.49 15.03 12.70
C CYS B 200 7.82 15.81 11.46
N ASN B 201 8.35 15.12 10.46
CA ASN B 201 8.73 15.75 9.20
C ASN B 201 7.76 15.36 8.11
N VAL B 202 6.97 16.31 7.63
CA VAL B 202 6.05 15.96 6.57
C VAL B 202 6.35 16.81 5.38
N ALA B 203 6.11 16.23 4.21
CA ALA B 203 6.35 16.93 2.97
C ALA B 203 5.27 16.58 1.98
N HIS B 204 4.68 17.62 1.38
CA HIS B 204 3.67 17.45 0.35
C HIS B 204 4.27 18.11 -0.88
N PRO B 205 5.03 17.35 -1.68
CA PRO B 205 5.68 17.85 -2.89
C PRO B 205 4.76 18.56 -3.87
N ALA B 206 3.60 17.99 -4.12
CA ALA B 206 2.63 18.56 -5.04
C ALA B 206 2.36 20.04 -4.77
N SER B 207 2.64 20.48 -3.55
CA SER B 207 2.41 21.88 -3.21
C SER B 207 3.64 22.57 -2.65
N SER B 208 4.81 21.95 -2.82
CA SER B 208 6.05 22.55 -2.36
C SER B 208 6.05 22.72 -0.84
N THR B 209 5.33 21.83 -0.17
CA THR B 209 5.24 21.89 1.29
C THR B 209 6.29 21.02 1.96
N LYS B 210 6.94 21.58 2.96
CA LYS B 210 7.96 20.88 3.70
C LYS B 210 8.02 21.55 5.07
N VAL B 211 7.70 20.81 6.11
CA VAL B 211 7.72 21.38 7.44
C VAL B 211 8.06 20.34 8.48
N ASP B 212 8.63 20.80 9.59
CA ASP B 212 9.00 19.95 10.72
C ASP B 212 8.24 20.48 11.92
N LYS B 213 7.46 19.64 12.58
CA LYS B 213 6.71 20.11 13.74
C LYS B 213 7.22 19.51 15.03
N LYS B 214 7.83 20.34 15.88
CA LYS B 214 8.32 19.84 17.14
C LYS B 214 7.12 19.61 18.05
N ILE B 215 7.19 18.57 18.88
CA ILE B 215 6.08 18.31 19.78
C ILE B 215 6.42 18.77 21.20
N VAL B 216 5.80 19.88 21.59
CA VAL B 216 5.99 20.50 22.89
C VAL B 216 4.82 20.16 23.82
N PRO B 217 5.12 19.79 25.08
CA PRO B 217 4.07 19.44 26.06
C PRO B 217 3.04 20.52 26.36
N ARG B 218 1.93 20.08 26.94
CA ARG B 218 0.82 20.93 27.35
C ARG B 218 -0.06 21.32 26.17
N PRO C 1 19.00 -12.18 -24.68
CA PRO C 1 19.73 -11.76 -25.92
C PRO C 1 18.85 -11.26 -27.07
N GLY C 2 19.49 -10.61 -28.05
CA GLY C 2 18.77 -10.07 -29.19
C GLY C 2 18.75 -10.90 -30.47
N GLY C 3 17.66 -11.64 -30.65
CA GLY C 3 17.49 -12.50 -31.81
C GLY C 3 16.01 -12.64 -32.12
N GLY C 4 15.19 -12.46 -31.08
CA GLY C 4 13.75 -12.55 -31.19
C GLY C 4 13.14 -12.66 -29.80
N GLN C 5 12.62 -11.55 -29.27
CA GLN C 5 12.00 -11.51 -27.94
C GLN C 5 10.68 -12.26 -27.96
N ILE C 6 10.60 -13.37 -27.23
CA ILE C 6 9.39 -14.19 -27.22
C ILE C 6 8.51 -14.13 -25.97
N VAL C 7 7.25 -13.77 -26.18
CA VAL C 7 6.28 -13.67 -25.09
C VAL C 7 5.22 -14.76 -25.28
N GLY C 8 5.34 -15.83 -24.51
CA GLY C 8 4.42 -16.95 -24.61
C GLY C 8 5.19 -18.26 -24.65
N GLY C 9 5.17 -18.99 -23.54
CA GLY C 9 5.90 -20.25 -23.46
C GLY C 9 5.49 -21.28 -24.49
N VAL C 10 4.32 -21.09 -25.08
CA VAL C 10 3.85 -22.03 -26.10
C VAL C 10 4.76 -21.96 -27.35
N TYR C 11 5.42 -20.82 -27.52
CA TYR C 11 6.31 -20.62 -28.66
C TYR C 11 7.73 -21.12 -28.41
N LEU C 12 7.95 -21.71 -27.25
CA LEU C 12 9.28 -22.20 -26.90
C LEU C 12 9.59 -23.66 -27.25
N LEU C 13 10.83 -23.92 -27.62
CA LEU C 13 11.30 -25.27 -27.95
C LEU C 13 12.51 -25.55 -27.07
N PRO C 14 12.76 -26.83 -26.75
CA PRO C 14 13.91 -27.17 -25.91
C PRO C 14 15.23 -26.69 -26.54
N ARG C 15 16.23 -26.44 -25.71
CA ARG C 15 17.54 -25.96 -26.18
C ARG C 15 18.15 -26.80 -27.29
N ARG C 16 18.72 -26.11 -28.29
CA ARG C 16 19.39 -26.68 -29.46
C ARG C 16 18.75 -26.13 -30.74
#